data_4ZUW
#
_entry.id   4ZUW
#
_cell.length_a   69.566
_cell.length_b   69.566
_cell.length_c   206.612
_cell.angle_alpha   90.00
_cell.angle_beta   90.00
_cell.angle_gamma   90.00
#
_symmetry.space_group_name_H-M   'P 41 21 2'
#
loop_
_entity.id
_entity.type
_entity.pdbx_description
1 polymer 'Classical MHC class I antigen'
2 polymer Beta-2-microglobulin
3 polymer GLY-SER-GLN-LYS-LEU-THR-THR-GLY-ASN-CYS-ASN-TRP
4 water water
#
loop_
_entity_poly.entity_id
_entity_poly.type
_entity_poly.pdbx_seq_one_letter_code
_entity_poly.pdbx_strand_id
1 'polypeptide(L)'
;GSHSMRYFYTAVSRPGRGEPRFIAVGYVDDTQFVRFDSDAASPRMEPRAPWVEQEGPEYWERETRNMKEATQNFRVGLNT
LHGYYNQSEAGSHTLQRMYGCDVGPDGRLLRGYRQDAYDGADYIALNEDLRSWTAADAAAQITRRKREEAGVAEQCRNYL
EGTCVEWLLRYLENGNETLQRADAPKTHVTHHPISDHEVTLRCWALGFYPEEISLSWQRDGEDVTQDTEFVETRPAGDRT
FQKWAAVVVPSGEEQRYTCHVQHEGLAEPVTLRW
;
A
2 'polypeptide(L)'
;IQKTPQIQVYSRHPPENGKPNILNCYVTQFHPPHIEIQMLKNGKKIPKVEMSDMSFSKDWSFYILAHTEFTPTETDTYAC
RVKHDSMAEPKTVYWDRDM
;
B
3 'polypeptide(L)' GSQKLTTGNCNW C
#
# COMPACT_ATOMS: atom_id res chain seq x y z
N GLY A 1 -11.36 12.11 13.41
CA GLY A 1 -11.41 13.46 12.88
C GLY A 1 -11.70 13.51 11.39
N SER A 2 -10.64 13.38 10.59
CA SER A 2 -10.77 13.43 9.13
C SER A 2 -10.57 12.04 8.51
N HIS A 3 -11.44 11.68 7.57
CA HIS A 3 -11.42 10.33 7.01
C HIS A 3 -11.39 10.34 5.49
N SER A 4 -10.96 9.23 4.91
CA SER A 4 -10.84 9.10 3.46
C SER A 4 -11.26 7.72 2.96
N MET A 5 -11.91 7.70 1.79
CA MET A 5 -12.14 6.45 1.08
C MET A 5 -11.47 6.56 -0.30
N ARG A 6 -10.65 5.56 -0.65
CA ARG A 6 -9.94 5.57 -1.92
C ARG A 6 -9.95 4.21 -2.60
N TYR A 7 -10.08 4.23 -3.93
CA TYR A 7 -9.98 3.02 -4.76
C TYR A 7 -8.72 3.03 -5.61
N PHE A 8 -8.09 1.86 -5.78
CA PHE A 8 -6.86 1.76 -6.55
C PHE A 8 -6.97 0.73 -7.68
N TYR A 9 -7.07 1.22 -8.92
CA TYR A 9 -7.09 0.36 -10.09
C TYR A 9 -5.68 0.18 -10.68
N THR A 10 -5.39 -1.04 -11.14
CA THR A 10 -4.15 -1.31 -11.87
C THR A 10 -4.39 -2.30 -13.00
N ALA A 11 -4.06 -1.89 -14.23
CA ALA A 11 -4.11 -2.80 -15.37
C ALA A 11 -2.71 -3.02 -15.91
N VAL A 12 -2.36 -4.28 -16.18
CA VAL A 12 -1.04 -4.61 -16.70
C VAL A 12 -1.12 -5.53 -17.91
N SER A 13 -0.64 -5.06 -19.05
CA SER A 13 -0.63 -5.90 -20.23
C SER A 13 0.46 -6.93 -20.05
N ARG A 14 0.35 -8.04 -20.80
CA ARG A 14 1.35 -9.10 -20.76
C ARG A 14 1.40 -9.75 -22.16
N PRO A 15 1.99 -9.02 -23.12
CA PRO A 15 1.94 -9.38 -24.54
C PRO A 15 2.38 -10.81 -24.80
N GLY A 16 1.50 -11.60 -25.42
CA GLY A 16 1.78 -13.00 -25.71
C GLY A 16 1.72 -13.89 -24.48
N ARG A 17 1.00 -13.44 -23.47
CA ARG A 17 0.78 -14.22 -22.26
C ARG A 17 -0.65 -14.05 -21.80
N GLY A 18 -1.52 -13.57 -22.68
CA GLY A 18 -2.91 -13.38 -22.34
C GLY A 18 -3.35 -11.92 -22.36
N GLU A 19 -4.61 -11.66 -22.04
CA GLU A 19 -5.11 -10.29 -21.98
C GLU A 19 -4.72 -9.61 -20.67
N PRO A 20 -4.59 -8.27 -20.70
CA PRO A 20 -4.17 -7.46 -19.55
C PRO A 20 -4.91 -7.77 -18.25
N ARG A 21 -4.14 -7.97 -17.17
CA ARG A 21 -4.69 -8.27 -15.86
C ARG A 21 -5.15 -6.98 -15.18
N PHE A 22 -6.29 -7.05 -14.50
CA PHE A 22 -6.84 -5.88 -13.80
C PHE A 22 -7.06 -6.15 -12.32
N ILE A 23 -6.53 -5.25 -11.49
CA ILE A 23 -6.55 -5.42 -10.04
C ILE A 23 -7.07 -4.17 -9.32
N ALA A 24 -7.99 -4.36 -8.37
CA ALA A 24 -8.53 -3.24 -7.60
C ALA A 24 -8.51 -3.51 -6.10
N VAL A 25 -8.30 -2.45 -5.32
CA VAL A 25 -8.44 -2.52 -3.87
C VAL A 25 -9.08 -1.25 -3.36
N GLY A 26 -10.04 -1.41 -2.46
CA GLY A 26 -10.69 -0.30 -1.81
C GLY A 26 -10.12 -0.11 -0.41
N TYR A 27 -10.08 1.15 0.02
CA TYR A 27 -9.56 1.48 1.35
C TYR A 27 -10.44 2.50 2.06
N VAL A 28 -10.56 2.37 3.37
CA VAL A 28 -11.03 3.49 4.17
C VAL A 28 -9.96 3.81 5.21
N ASP A 29 -9.49 5.05 5.20
CA ASP A 29 -8.29 5.40 5.95
C ASP A 29 -7.18 4.44 5.55
N ASP A 30 -6.52 3.84 6.53
CA ASP A 30 -5.47 2.86 6.28
C ASP A 30 -6.00 1.42 6.34
N THR A 31 -7.30 1.28 6.13
CA THR A 31 -7.93 -0.04 6.25
C THR A 31 -8.48 -0.50 4.90
N GLN A 32 -7.91 -1.57 4.38
CA GLN A 32 -8.43 -2.19 3.17
C GLN A 32 -9.71 -2.91 3.50
N PHE A 33 -10.74 -2.74 2.66
CA PHE A 33 -12.03 -3.36 2.94
C PHE A 33 -12.59 -4.17 1.77
N VAL A 34 -12.02 -3.99 0.59
CA VAL A 34 -12.54 -4.65 -0.60
C VAL A 34 -11.40 -4.92 -1.58
N ARG A 35 -11.51 -5.99 -2.36
CA ARG A 35 -10.46 -6.35 -3.32
C ARG A 35 -11.02 -7.05 -4.57
N PHE A 36 -10.22 -7.08 -5.64
CA PHE A 36 -10.61 -7.70 -6.89
C PHE A 36 -9.38 -7.99 -7.75
N ASP A 37 -9.31 -9.21 -8.27
CA ASP A 37 -8.24 -9.64 -9.14
C ASP A 37 -8.81 -10.42 -10.33
N SER A 38 -8.61 -9.91 -11.54
CA SER A 38 -9.21 -10.54 -12.73
C SER A 38 -8.68 -11.96 -13.00
N ASP A 39 -7.54 -12.30 -12.42
CA ASP A 39 -6.96 -13.62 -12.59
C ASP A 39 -7.49 -14.66 -11.60
N ALA A 40 -8.43 -14.27 -10.75
CA ALA A 40 -9.07 -15.23 -9.84
C ALA A 40 -9.91 -16.24 -10.63
N ALA A 41 -9.95 -17.49 -10.15
CA ALA A 41 -10.73 -18.53 -10.80
C ALA A 41 -12.14 -18.03 -11.11
N SER A 42 -12.79 -17.46 -10.11
CA SER A 42 -14.05 -16.75 -10.30
C SER A 42 -13.91 -15.30 -9.81
N PRO A 43 -13.70 -14.37 -10.75
CA PRO A 43 -13.45 -12.95 -10.48
C PRO A 43 -14.63 -12.24 -9.80
N ARG A 44 -14.57 -12.13 -8.48
CA ARG A 44 -15.58 -11.40 -7.74
C ARG A 44 -14.94 -10.26 -6.97
N MET A 45 -15.71 -9.22 -6.69
CA MET A 45 -15.31 -8.25 -5.68
C MET A 45 -15.48 -8.97 -4.35
N GLU A 46 -14.46 -8.88 -3.49
CA GLU A 46 -14.46 -9.62 -2.23
C GLU A 46 -14.17 -8.75 -1.02
N PRO A 47 -14.82 -9.06 0.12
CA PRO A 47 -14.67 -8.30 1.35
C PRO A 47 -13.36 -8.61 2.04
N ARG A 48 -12.70 -7.58 2.55
CA ARG A 48 -11.44 -7.74 3.27
C ARG A 48 -11.47 -7.09 4.64
N ALA A 49 -12.67 -6.69 5.08
CA ALA A 49 -12.90 -6.17 6.43
C ALA A 49 -14.31 -6.53 6.90
N PRO A 50 -14.44 -6.92 8.17
CA PRO A 50 -15.70 -7.44 8.75
C PRO A 50 -16.93 -6.59 8.43
N TRP A 51 -16.78 -5.27 8.48
CA TRP A 51 -17.92 -4.36 8.37
C TRP A 51 -18.43 -4.09 6.96
N VAL A 52 -17.99 -4.89 5.99
CA VAL A 52 -18.60 -4.86 4.66
C VAL A 52 -19.30 -6.19 4.38
N GLU A 53 -18.84 -7.24 5.05
CA GLU A 53 -19.41 -8.56 4.88
C GLU A 53 -20.93 -8.50 4.96
N GLN A 54 -21.42 -7.65 5.85
CA GLN A 54 -22.86 -7.54 6.10
C GLN A 54 -23.66 -7.05 4.89
N GLU A 55 -22.97 -6.54 3.87
CA GLU A 55 -23.65 -5.96 2.72
C GLU A 55 -24.45 -6.99 1.93
N GLY A 56 -25.63 -6.57 1.47
CA GLY A 56 -26.54 -7.44 0.76
C GLY A 56 -26.03 -7.92 -0.59
N PRO A 57 -26.59 -9.02 -1.08
CA PRO A 57 -26.26 -9.60 -2.38
C PRO A 57 -26.25 -8.56 -3.49
N GLU A 58 -27.22 -7.66 -3.51
CA GLU A 58 -27.30 -6.66 -4.58
C GLU A 58 -26.02 -5.82 -4.65
N TYR A 59 -25.42 -5.57 -3.49
CA TYR A 59 -24.20 -4.78 -3.42
C TYR A 59 -23.09 -5.46 -4.21
N TRP A 60 -22.78 -6.69 -3.83
CA TRP A 60 -21.70 -7.43 -4.44
C TRP A 60 -21.92 -7.65 -5.94
N GLU A 61 -23.17 -7.77 -6.35
CA GLU A 61 -23.50 -7.86 -7.76
C GLU A 61 -23.03 -6.59 -8.47
N ARG A 62 -23.37 -5.45 -7.88
CA ARG A 62 -23.03 -4.15 -8.44
C ARG A 62 -21.53 -3.96 -8.52
N GLU A 63 -20.86 -4.20 -7.40
CA GLU A 63 -19.41 -4.02 -7.31
C GLU A 63 -18.67 -4.87 -8.33
N THR A 64 -19.00 -6.15 -8.39
CA THR A 64 -18.37 -7.06 -9.33
C THR A 64 -18.62 -6.63 -10.77
N ARG A 65 -19.84 -6.19 -11.06
CA ARG A 65 -20.16 -5.72 -12.40
C ARG A 65 -19.28 -4.52 -12.80
N ASN A 66 -18.98 -3.67 -11.83
CA ASN A 66 -18.15 -2.49 -12.07
C ASN A 66 -16.70 -2.86 -12.29
N MET A 67 -16.24 -3.87 -11.57
CA MET A 67 -14.87 -4.33 -11.69
C MET A 67 -14.66 -5.01 -13.03
N LYS A 68 -15.66 -5.78 -13.48
CA LYS A 68 -15.59 -6.46 -14.76
C LYS A 68 -15.62 -5.48 -15.93
N GLU A 69 -16.38 -4.43 -15.79
CA GLU A 69 -16.45 -3.40 -16.79
C GLU A 69 -15.23 -2.54 -16.76
N ALA A 70 -14.63 -2.42 -15.60
CA ALA A 70 -13.41 -1.66 -15.44
C ALA A 70 -12.27 -2.33 -16.18
N THR A 71 -12.13 -3.63 -15.98
CA THR A 71 -11.09 -4.37 -16.68
C THR A 71 -11.24 -4.32 -18.19
N GLN A 72 -12.47 -4.35 -18.68
CA GLN A 72 -12.71 -4.17 -20.11
C GLN A 72 -12.27 -2.77 -20.52
N ASN A 73 -12.77 -1.77 -19.80
CA ASN A 73 -12.47 -0.38 -20.10
C ASN A 73 -10.96 -0.09 -20.08
N PHE A 74 -10.29 -0.46 -19.00
CA PHE A 74 -8.86 -0.21 -18.87
C PHE A 74 -8.04 -0.92 -19.95
N ARG A 75 -8.50 -2.09 -20.40
CA ARG A 75 -7.82 -2.80 -21.48
C ARG A 75 -7.86 -2.01 -22.77
N VAL A 76 -8.98 -1.34 -23.01
CA VAL A 76 -9.10 -0.43 -24.14
C VAL A 76 -8.14 0.74 -23.97
N GLY A 77 -8.16 1.33 -22.77
CA GLY A 77 -7.22 2.39 -22.42
C GLY A 77 -5.79 2.04 -22.76
N LEU A 78 -5.35 0.87 -22.32
CA LEU A 78 -3.99 0.39 -22.59
C LEU A 78 -3.69 0.34 -24.07
N ASN A 79 -4.68 -0.06 -24.85
CA ASN A 79 -4.51 -0.23 -26.28
C ASN A 79 -4.50 1.13 -26.99
N THR A 80 -5.40 2.01 -26.58
CA THR A 80 -5.49 3.34 -27.17
C THR A 80 -4.21 4.13 -26.90
N LEU A 81 -3.81 4.19 -25.63
CA LEU A 81 -2.61 4.94 -25.28
C LEU A 81 -1.36 4.37 -25.94
N HIS A 82 -1.27 3.04 -26.04
CA HIS A 82 -0.15 2.40 -26.73
C HIS A 82 0.01 3.01 -28.13
N GLY A 83 -1.11 3.35 -28.76
CA GLY A 83 -1.12 3.96 -30.07
C GLY A 83 -0.64 5.41 -30.08
N TYR A 84 -1.22 6.22 -29.20
CA TYR A 84 -0.77 7.59 -29.04
C TYR A 84 0.75 7.67 -28.99
N TYR A 85 1.34 6.87 -28.10
CA TYR A 85 2.79 6.90 -27.87
C TYR A 85 3.57 6.17 -28.93
N ASN A 86 2.85 5.43 -29.78
CA ASN A 86 3.47 4.72 -30.88
C ASN A 86 4.60 3.82 -30.40
N GLN A 87 4.33 3.01 -29.40
CA GLN A 87 5.34 2.18 -28.80
C GLN A 87 5.52 0.84 -29.47
N SER A 88 6.66 0.21 -29.26
CA SER A 88 6.92 -1.12 -29.80
C SER A 88 5.95 -2.14 -29.22
N GLU A 89 5.81 -3.25 -29.91
CA GLU A 89 4.91 -4.28 -29.49
C GLU A 89 5.55 -5.22 -28.48
N ALA A 90 6.63 -4.78 -27.90
CA ALA A 90 7.48 -5.62 -27.05
C ALA A 90 6.94 -5.90 -25.64
N GLY A 91 7.22 -5.00 -24.71
CA GLY A 91 7.01 -5.28 -23.30
C GLY A 91 5.67 -4.89 -22.70
N SER A 92 5.61 -4.91 -21.37
CA SER A 92 4.37 -4.63 -20.65
C SER A 92 4.14 -3.15 -20.48
N HIS A 93 2.89 -2.80 -20.23
CA HIS A 93 2.54 -1.42 -19.93
C HIS A 93 1.43 -1.41 -18.89
N THR A 94 1.39 -0.35 -18.08
CA THR A 94 0.44 -0.27 -16.99
C THR A 94 -0.41 0.99 -17.04
N LEU A 95 -1.62 0.87 -16.56
CA LEU A 95 -2.56 1.97 -16.47
C LEU A 95 -3.15 1.95 -15.11
N GLN A 96 -2.94 2.99 -14.34
CA GLN A 96 -3.38 3.05 -12.97
C GLN A 96 -4.38 4.12 -12.76
N ARG A 97 -5.21 3.93 -11.76
CA ARG A 97 -6.11 4.96 -11.29
C ARG A 97 -6.20 4.95 -9.80
N MET A 98 -6.31 6.12 -9.22
CA MET A 98 -6.60 6.28 -7.81
C MET A 98 -7.65 7.37 -7.68
N TYR A 99 -8.77 7.04 -7.05
CA TYR A 99 -9.84 8.00 -6.86
C TYR A 99 -10.47 7.84 -5.48
N GLY A 100 -11.31 8.81 -5.10
CA GLY A 100 -11.94 8.79 -3.79
C GLY A 100 -12.25 10.17 -3.23
N CYS A 101 -12.42 10.25 -1.91
CA CYS A 101 -12.87 11.48 -1.29
C CYS A 101 -12.48 11.57 0.18
N ASP A 102 -12.25 12.80 0.64
CA ASP A 102 -11.96 13.07 2.03
C ASP A 102 -13.13 13.83 2.63
N VAL A 103 -13.47 13.51 3.87
CA VAL A 103 -14.47 14.28 4.60
C VAL A 103 -13.91 14.74 5.93
N GLY A 104 -14.18 16.00 6.27
CA GLY A 104 -13.65 16.59 7.49
C GLY A 104 -14.30 16.05 8.75
N PRO A 105 -13.89 16.55 9.92
CA PRO A 105 -14.54 16.17 11.18
C PRO A 105 -16.04 16.42 11.13
N ASP A 106 -16.48 17.34 10.28
CA ASP A 106 -17.89 17.67 10.17
C ASP A 106 -18.67 16.69 9.27
N GLY A 107 -17.95 15.78 8.62
CA GLY A 107 -18.58 14.78 7.77
C GLY A 107 -19.06 15.32 6.43
N ARG A 108 -18.43 16.41 5.98
CA ARG A 108 -18.77 17.00 4.69
C ARG A 108 -17.56 16.92 3.77
N LEU A 109 -17.81 16.94 2.47
CA LEU A 109 -16.75 16.85 1.47
C LEU A 109 -15.65 17.89 1.71
N LEU A 110 -14.41 17.47 1.52
CA LEU A 110 -13.26 18.35 1.71
C LEU A 110 -12.56 18.55 0.38
N ARG A 111 -12.43 17.45 -0.35
CA ARG A 111 -11.79 17.44 -1.67
C ARG A 111 -11.86 16.06 -2.32
N GLY A 112 -12.08 16.06 -3.64
CA GLY A 112 -12.17 14.82 -4.38
C GLY A 112 -11.06 14.70 -5.42
N TYR A 113 -10.68 13.46 -5.72
CA TYR A 113 -9.62 13.20 -6.69
C TYR A 113 -9.89 11.99 -7.58
N ARG A 114 -9.29 11.99 -8.76
CA ARG A 114 -9.49 10.93 -9.75
C ARG A 114 -8.33 10.98 -10.73
N GLN A 115 -7.21 10.41 -10.31
CA GLN A 115 -5.96 10.46 -11.07
C GLN A 115 -5.70 9.20 -11.89
N ASP A 116 -5.17 9.38 -13.09
CA ASP A 116 -4.78 8.26 -13.93
C ASP A 116 -3.29 8.36 -14.22
N ALA A 117 -2.64 7.21 -14.36
CA ALA A 117 -1.21 7.17 -14.63
C ALA A 117 -0.89 6.11 -15.66
N TYR A 118 -0.02 6.47 -16.62
CA TYR A 118 0.43 5.53 -17.62
C TYR A 118 1.91 5.20 -17.41
N ASP A 119 2.18 3.92 -17.20
CA ASP A 119 3.54 3.43 -16.97
C ASP A 119 4.23 4.13 -15.79
N GLY A 120 3.50 4.29 -14.69
CA GLY A 120 4.06 4.82 -13.47
C GLY A 120 4.20 6.33 -13.43
N ALA A 121 3.70 7.01 -14.46
CA ALA A 121 3.80 8.46 -14.52
C ALA A 121 2.43 9.11 -14.70
N ASP A 122 2.24 10.27 -14.08
CA ASP A 122 1.00 11.01 -14.23
C ASP A 122 0.60 11.00 -15.70
N TYR A 123 -0.69 10.81 -15.96
CA TYR A 123 -1.18 10.88 -17.32
C TYR A 123 -2.29 11.91 -17.42
N ILE A 124 -3.29 11.77 -16.56
CA ILE A 124 -4.37 12.75 -16.52
C ILE A 124 -5.03 12.69 -15.16
N ALA A 125 -5.41 13.85 -14.64
CA ALA A 125 -6.04 13.93 -13.34
C ALA A 125 -7.20 14.92 -13.36
N LEU A 126 -8.15 14.71 -12.47
CA LEU A 126 -9.30 15.61 -12.33
C LEU A 126 -8.92 16.72 -11.35
N ASN A 127 -8.96 17.96 -11.81
CA ASN A 127 -8.60 19.11 -10.98
C ASN A 127 -9.50 19.20 -9.75
N GLU A 128 -9.01 19.84 -8.69
CA GLU A 128 -9.71 19.86 -7.41
C GLU A 128 -11.05 20.58 -7.49
N ASP A 129 -11.24 21.37 -8.54
CA ASP A 129 -12.51 22.05 -8.77
C ASP A 129 -13.56 21.12 -9.38
N LEU A 130 -13.11 19.95 -9.84
CA LEU A 130 -13.99 18.87 -10.31
C LEU A 130 -14.74 19.18 -11.61
N ARG A 131 -14.10 19.91 -12.51
CA ARG A 131 -14.71 20.22 -13.81
C ARG A 131 -13.67 20.40 -14.92
N SER A 132 -12.40 20.20 -14.58
CA SER A 132 -11.32 20.36 -15.56
C SER A 132 -10.27 19.26 -15.39
N TRP A 133 -9.41 19.12 -16.40
CA TRP A 133 -8.38 18.09 -16.35
C TRP A 133 -6.99 18.68 -16.52
N THR A 134 -6.02 18.06 -15.87
CA THR A 134 -4.62 18.36 -16.13
C THR A 134 -4.01 17.24 -16.95
N ALA A 135 -3.69 17.54 -18.21
CA ALA A 135 -3.02 16.58 -19.07
C ALA A 135 -1.51 16.75 -18.99
N ALA A 136 -0.81 15.63 -18.79
CA ALA A 136 0.63 15.68 -18.55
C ALA A 136 1.45 15.76 -19.83
N ASP A 137 0.81 15.49 -20.97
CA ASP A 137 1.53 15.47 -22.24
C ASP A 137 0.63 15.50 -23.47
N ALA A 138 1.28 15.49 -24.63
CA ALA A 138 0.58 15.54 -25.91
C ALA A 138 -0.57 14.53 -25.95
N ALA A 139 -0.25 13.27 -25.67
CA ALA A 139 -1.24 12.19 -25.70
C ALA A 139 -2.42 12.47 -24.78
N ALA A 140 -2.11 12.75 -23.52
CA ALA A 140 -3.13 12.95 -22.50
C ALA A 140 -4.12 14.04 -22.88
N GLN A 141 -3.67 14.99 -23.69
CA GLN A 141 -4.53 16.08 -24.13
C GLN A 141 -5.58 15.60 -25.13
N ILE A 142 -5.23 14.57 -25.91
CA ILE A 142 -6.22 13.91 -26.77
C ILE A 142 -7.31 13.31 -25.90
N THR A 143 -6.89 12.62 -24.85
CA THR A 143 -7.82 12.04 -23.88
C THR A 143 -8.68 13.13 -23.27
N ARG A 144 -8.01 14.19 -22.80
CA ARG A 144 -8.70 15.35 -22.25
C ARG A 144 -9.84 15.78 -23.16
N ARG A 145 -9.54 15.92 -24.45
CA ARG A 145 -10.53 16.33 -25.44
C ARG A 145 -11.77 15.44 -25.43
N LYS A 146 -11.55 14.13 -25.50
CA LYS A 146 -12.67 13.18 -25.56
C LYS A 146 -13.52 13.24 -24.30
N ARG A 147 -12.88 13.42 -23.15
CA ARG A 147 -13.58 13.45 -21.86
C ARG A 147 -14.40 14.72 -21.66
N GLU A 148 -13.92 15.82 -22.21
CA GLU A 148 -14.65 17.05 -22.09
C GLU A 148 -15.83 17.01 -23.03
N GLU A 149 -15.62 16.44 -24.20
CA GLU A 149 -16.66 16.39 -25.23
C GLU A 149 -17.77 15.38 -24.90
N ALA A 150 -17.52 14.55 -23.88
CA ALA A 150 -18.49 13.54 -23.49
C ALA A 150 -19.13 13.85 -22.14
N GLY A 151 -18.64 14.89 -21.46
CA GLY A 151 -19.21 15.31 -20.20
C GLY A 151 -18.83 14.41 -19.05
N VAL A 152 -17.63 13.84 -19.14
CA VAL A 152 -17.17 12.88 -18.16
C VAL A 152 -16.94 13.50 -16.78
N ALA A 153 -16.44 14.73 -16.77
CA ALA A 153 -16.19 15.43 -15.52
C ALA A 153 -17.43 15.52 -14.64
N GLU A 154 -18.55 15.91 -15.23
CA GLU A 154 -19.80 16.05 -14.47
C GLU A 154 -20.18 14.74 -13.78
N GLN A 155 -20.09 13.64 -14.53
CA GLN A 155 -20.40 12.33 -13.99
C GLN A 155 -19.53 12.04 -12.77
N CYS A 156 -18.24 12.33 -12.91
CA CYS A 156 -17.30 12.14 -11.82
C CYS A 156 -17.66 12.98 -10.61
N ARG A 157 -18.03 14.21 -10.84
CA ARG A 157 -18.43 15.09 -9.76
C ARG A 157 -19.63 14.52 -9.04
N ASN A 158 -20.59 14.07 -9.80
CA ASN A 158 -21.79 13.47 -9.21
C ASN A 158 -21.46 12.34 -8.24
N TYR A 159 -20.59 11.42 -8.66
CA TYR A 159 -20.19 10.32 -7.80
C TYR A 159 -19.39 10.82 -6.59
N LEU A 160 -18.43 11.69 -6.85
CA LEU A 160 -17.50 12.14 -5.81
C LEU A 160 -18.16 12.98 -4.70
N GLU A 161 -19.07 13.86 -5.09
CA GLU A 161 -19.75 14.74 -4.13
C GLU A 161 -20.85 13.99 -3.38
N GLY A 162 -21.58 13.16 -4.12
CA GLY A 162 -22.68 12.41 -3.56
C GLY A 162 -22.33 10.99 -3.15
N THR A 163 -22.41 10.08 -4.12
CA THR A 163 -22.23 8.65 -3.86
C THR A 163 -21.01 8.34 -3.00
N CYS A 164 -19.85 8.85 -3.40
CA CYS A 164 -18.61 8.56 -2.70
C CYS A 164 -18.62 8.96 -1.23
N VAL A 165 -19.19 10.13 -0.93
CA VAL A 165 -19.28 10.61 0.45
C VAL A 165 -20.27 9.77 1.25
N GLU A 166 -21.45 9.53 0.67
CA GLU A 166 -22.46 8.70 1.30
C GLU A 166 -21.90 7.35 1.76
N TRP A 167 -21.28 6.62 0.84
CA TRP A 167 -20.67 5.34 1.16
C TRP A 167 -19.68 5.49 2.32
N LEU A 168 -18.74 6.43 2.18
CA LEU A 168 -17.73 6.66 3.20
C LEU A 168 -18.35 6.80 4.59
N LEU A 169 -19.36 7.66 4.69
CA LEU A 169 -20.06 7.87 5.95
C LEU A 169 -20.69 6.58 6.46
N ARG A 170 -21.27 5.81 5.53
CA ARG A 170 -21.87 4.52 5.87
C ARG A 170 -20.84 3.55 6.44
N TYR A 171 -19.68 3.48 5.80
CA TYR A 171 -18.62 2.58 6.25
C TYR A 171 -18.08 3.01 7.61
N LEU A 172 -17.96 4.32 7.81
CA LEU A 172 -17.48 4.86 9.07
C LEU A 172 -18.38 4.40 10.22
N GLU A 173 -19.67 4.37 9.95
CA GLU A 173 -20.62 3.94 10.94
C GLU A 173 -20.56 2.47 11.23
N ASN A 174 -20.73 1.68 10.19
CA ASN A 174 -20.85 0.23 10.31
C ASN A 174 -19.61 -0.45 10.89
N GLY A 175 -18.46 0.18 10.77
CA GLY A 175 -17.25 -0.39 11.32
C GLY A 175 -16.57 0.54 12.29
N ASN A 176 -17.38 1.33 13.01
CA ASN A 176 -16.85 2.36 13.88
C ASN A 176 -15.92 1.84 14.98
N GLU A 177 -16.14 0.61 15.41
CA GLU A 177 -15.40 0.06 16.55
C GLU A 177 -13.92 -0.14 16.26
N THR A 178 -13.54 -0.03 14.99
CA THR A 178 -12.15 -0.23 14.58
C THR A 178 -11.64 0.91 13.72
N LEU A 179 -12.50 1.47 12.88
CA LEU A 179 -12.13 2.57 11.99
C LEU A 179 -11.99 3.88 12.75
N GLN A 180 -12.84 4.09 13.74
CA GLN A 180 -12.88 5.33 14.50
C GLN A 180 -11.93 5.27 15.70
N ARG A 181 -11.33 4.10 15.89
CA ARG A 181 -10.46 3.87 17.05
C ARG A 181 -8.98 3.78 16.67
N ALA A 182 -8.14 4.42 17.48
CA ALA A 182 -6.70 4.38 17.25
C ALA A 182 -6.03 3.45 18.25
N ASP A 183 -5.07 2.67 17.77
CA ASP A 183 -4.32 1.76 18.63
C ASP A 183 -2.94 2.32 18.93
N ALA A 184 -2.62 2.44 20.22
CA ALA A 184 -1.33 2.99 20.60
C ALA A 184 -0.23 2.01 20.30
N PRO A 185 0.95 2.53 19.94
CA PRO A 185 2.13 1.69 19.70
C PRO A 185 2.65 1.05 20.98
N LYS A 186 3.25 -0.11 20.86
CA LYS A 186 3.84 -0.77 21.97
C LYS A 186 5.32 -0.71 21.87
N THR A 187 5.91 0.20 22.62
CA THR A 187 7.31 0.60 22.45
C THR A 187 8.30 -0.17 23.34
N HIS A 188 9.50 -0.39 22.83
CA HIS A 188 10.59 -0.93 23.65
C HIS A 188 11.95 -0.66 23.02
N VAL A 189 13.02 -0.88 23.78
CA VAL A 189 14.37 -0.65 23.29
C VAL A 189 15.24 -1.89 23.39
N THR A 190 15.94 -2.22 22.31
CA THR A 190 16.85 -3.37 22.29
C THR A 190 18.33 -2.94 22.25
N HIS A 191 19.19 -3.88 22.61
CA HIS A 191 20.60 -3.58 22.87
C HIS A 191 21.46 -4.53 22.05
N HIS A 192 22.10 -4.01 20.99
CA HIS A 192 22.86 -4.87 20.09
C HIS A 192 24.32 -4.42 19.96
N PRO A 193 25.20 -5.01 20.77
CA PRO A 193 26.62 -4.64 20.80
C PRO A 193 27.33 -5.02 19.50
N ILE A 194 28.02 -4.04 18.92
CA ILE A 194 28.85 -4.25 17.75
C ILE A 194 30.23 -4.75 18.17
N SER A 195 30.89 -3.97 19.03
CA SER A 195 32.20 -4.32 19.57
C SER A 195 32.30 -3.89 21.04
N ASP A 196 33.52 -3.83 21.56
CA ASP A 196 33.73 -3.43 22.94
C ASP A 196 33.69 -1.92 23.06
N HIS A 197 33.37 -1.25 21.96
CA HIS A 197 33.44 0.20 21.92
C HIS A 197 32.15 0.83 21.41
N GLU A 198 31.37 0.05 20.68
CA GLU A 198 30.13 0.54 20.14
C GLU A 198 29.01 -0.47 20.24
N VAL A 199 27.78 0.00 20.46
CA VAL A 199 26.61 -0.86 20.47
C VAL A 199 25.46 -0.13 19.79
N THR A 200 24.51 -0.90 19.26
CA THR A 200 23.36 -0.34 18.58
C THR A 200 22.17 -0.28 19.55
N LEU A 201 21.46 0.83 19.53
CA LEU A 201 20.23 0.94 20.29
C LEU A 201 19.06 1.10 19.34
N ARG A 202 18.21 0.10 19.25
CA ARG A 202 17.09 0.10 18.35
C ARG A 202 15.82 0.29 19.10
N CYS A 203 14.98 1.20 18.64
CA CYS A 203 13.79 1.58 19.35
C CYS A 203 12.55 1.17 18.56
N TRP A 204 11.79 0.22 19.09
CA TRP A 204 10.66 -0.38 18.36
C TRP A 204 9.30 0.22 18.71
N ALA A 205 8.46 0.42 17.70
CA ALA A 205 7.05 0.74 17.88
C ALA A 205 6.23 -0.31 17.14
N LEU A 206 5.39 -1.03 17.87
CA LEU A 206 4.70 -2.18 17.31
C LEU A 206 3.19 -2.13 17.51
N GLY A 207 2.47 -2.85 16.64
CA GLY A 207 1.03 -3.00 16.76
C GLY A 207 0.22 -1.73 16.86
N PHE A 208 0.61 -0.70 16.12
CA PHE A 208 -0.11 0.56 16.17
C PHE A 208 -1.00 0.84 14.94
N TYR A 209 -1.94 1.76 15.09
CA TYR A 209 -2.82 2.17 13.99
C TYR A 209 -3.38 3.56 14.29
N PRO A 210 -3.39 4.45 13.28
CA PRO A 210 -3.00 4.21 11.89
C PRO A 210 -1.49 4.25 11.74
N GLU A 211 -1.00 4.28 10.50
CA GLU A 211 0.43 4.17 10.26
C GLU A 211 1.23 5.45 10.50
N GLU A 212 0.54 6.59 10.56
CA GLU A 212 1.21 7.87 10.82
C GLU A 212 1.86 7.85 12.20
N ILE A 213 3.20 7.89 12.22
CA ILE A 213 3.94 7.85 13.48
C ILE A 213 5.25 8.59 13.38
N SER A 214 5.82 8.92 14.54
CA SER A 214 7.07 9.66 14.61
C SER A 214 8.00 9.03 15.65
N LEU A 215 9.17 8.57 15.20
CA LEU A 215 10.21 8.07 16.11
C LEU A 215 11.46 8.93 16.01
N SER A 216 12.17 9.08 17.11
CA SER A 216 13.38 9.91 17.13
C SER A 216 14.28 9.58 18.31
N TRP A 217 15.57 9.87 18.15
CA TRP A 217 16.55 9.69 19.21
C TRP A 217 17.13 11.03 19.68
N GLN A 218 17.39 11.13 20.97
CA GLN A 218 18.02 12.31 21.54
C GLN A 218 19.22 11.93 22.40
N ARG A 219 20.18 12.85 22.48
CA ARG A 219 21.33 12.71 23.36
C ARG A 219 21.28 13.83 24.38
N ASP A 220 21.20 13.45 25.66
CA ASP A 220 21.10 14.43 26.74
C ASP A 220 19.90 15.36 26.59
N GLY A 221 18.96 14.97 25.74
CA GLY A 221 17.78 15.79 25.54
C GLY A 221 17.87 16.64 24.28
N GLU A 222 18.94 16.47 23.51
CA GLU A 222 19.08 17.18 22.24
C GLU A 222 19.08 16.22 21.05
N ASP A 223 18.45 16.64 19.95
CA ASP A 223 18.27 15.80 18.77
C ASP A 223 19.58 15.28 18.17
N VAL A 224 19.46 14.44 17.15
CA VAL A 224 20.62 13.90 16.44
C VAL A 224 20.15 12.94 15.34
N THR A 225 19.33 13.46 14.41
CA THR A 225 18.69 12.63 13.39
C THR A 225 19.64 12.14 12.30
N GLN A 226 20.52 13.01 11.80
CA GLN A 226 21.51 12.59 10.83
C GLN A 226 22.55 11.71 11.53
N ASP A 227 22.18 10.45 11.72
CA ASP A 227 22.89 9.52 12.58
C ASP A 227 21.97 8.31 12.76
N THR A 228 20.66 8.59 12.70
CA THR A 228 19.63 7.59 12.97
C THR A 228 19.31 6.75 11.74
N GLU A 229 19.11 5.47 11.97
CA GLU A 229 18.72 4.52 10.94
C GLU A 229 17.25 4.18 11.11
N PHE A 230 16.48 4.36 10.03
CA PHE A 230 15.05 4.03 10.06
C PHE A 230 14.76 2.81 9.20
N VAL A 231 13.53 2.33 9.31
CA VAL A 231 12.97 1.42 8.31
C VAL A 231 11.64 2.03 7.92
N GLU A 232 11.19 1.81 6.71
CA GLU A 232 9.92 2.38 6.39
C GLU A 232 8.90 1.68 7.19
N THR A 233 7.84 2.37 7.55
CA THR A 233 6.74 1.77 8.29
C THR A 233 6.16 0.58 7.52
N ARG A 234 6.08 -0.57 8.20
CA ARG A 234 5.65 -1.80 7.56
C ARG A 234 4.43 -2.38 8.28
N PRO A 235 3.52 -3.01 7.50
CA PRO A 235 2.35 -3.69 8.10
C PRO A 235 2.76 -4.99 8.78
N ALA A 236 2.08 -5.34 9.87
CA ALA A 236 2.35 -6.60 10.56
C ALA A 236 1.52 -7.74 9.96
N GLY A 237 0.47 -7.37 9.24
CA GLY A 237 -0.39 -8.35 8.59
C GLY A 237 -1.71 -8.51 9.32
N ASP A 238 -1.81 -7.88 10.47
CA ASP A 238 -2.99 -7.98 11.32
C ASP A 238 -3.73 -6.65 11.34
N ARG A 239 -3.37 -5.78 10.42
CA ARG A 239 -3.98 -4.46 10.29
C ARG A 239 -3.33 -3.39 11.18
N THR A 240 -2.25 -3.75 11.86
CA THR A 240 -1.43 -2.77 12.59
C THR A 240 -0.07 -2.62 11.89
N PHE A 241 0.77 -1.74 12.42
CA PHE A 241 2.02 -1.43 11.75
C PHE A 241 3.24 -1.50 12.67
N GLN A 242 4.42 -1.59 12.08
CA GLN A 242 5.67 -1.63 12.81
C GLN A 242 6.65 -0.62 12.25
N LYS A 243 7.69 -0.33 13.04
CA LYS A 243 8.72 0.62 12.64
C LYS A 243 9.75 0.66 13.76
N TRP A 244 11.02 0.76 13.38
CA TRP A 244 12.07 0.99 14.38
C TRP A 244 13.06 2.05 13.95
N ALA A 245 13.87 2.48 14.90
CA ALA A 245 14.85 3.51 14.66
C ALA A 245 16.07 3.19 15.51
N ALA A 246 17.22 3.06 14.88
CA ALA A 246 18.44 2.72 15.60
C ALA A 246 19.48 3.84 15.58
N VAL A 247 20.30 3.89 16.62
CA VAL A 247 21.50 4.73 16.60
C VAL A 247 22.67 3.92 17.14
N VAL A 248 23.85 4.15 16.59
CA VAL A 248 25.06 3.52 17.11
C VAL A 248 25.65 4.45 18.15
N VAL A 249 25.86 3.91 19.35
CA VAL A 249 26.32 4.69 20.48
C VAL A 249 27.57 4.08 21.12
N PRO A 250 28.33 4.90 21.83
CA PRO A 250 29.59 4.48 22.48
C PRO A 250 29.31 3.60 23.68
N SER A 251 29.85 2.39 23.69
CA SER A 251 29.68 1.50 24.82
C SER A 251 29.91 2.25 26.13
N GLY A 252 28.85 2.44 26.91
CA GLY A 252 28.95 3.10 28.20
C GLY A 252 28.15 4.39 28.28
N GLU A 253 27.72 4.89 27.14
CA GLU A 253 26.98 6.16 27.11
C GLU A 253 25.49 5.95 26.81
N GLU A 254 25.01 4.74 27.00
CA GLU A 254 23.60 4.40 26.72
C GLU A 254 22.61 5.28 27.49
N GLN A 255 23.02 5.77 28.66
CA GLN A 255 22.16 6.59 29.52
C GLN A 255 21.88 7.95 28.88
N ARG A 256 22.81 8.37 28.01
CA ARG A 256 22.70 9.65 27.32
C ARG A 256 21.50 9.70 26.38
N TYR A 257 21.07 8.53 25.91
CA TYR A 257 20.11 8.45 24.82
C TYR A 257 18.70 8.05 25.26
N THR A 258 17.72 8.75 24.68
CA THR A 258 16.32 8.43 24.90
C THR A 258 15.60 8.40 23.55
N CYS A 259 14.68 7.47 23.40
CA CYS A 259 13.87 7.41 22.19
C CYS A 259 12.55 8.13 22.42
N HIS A 260 12.08 8.86 21.42
CA HIS A 260 10.87 9.64 21.57
C HIS A 260 9.83 9.28 20.51
N VAL A 261 8.60 9.04 20.98
CA VAL A 261 7.54 8.49 20.14
C VAL A 261 6.23 9.28 20.25
N GLN A 262 5.69 9.71 19.11
CA GLN A 262 4.42 10.40 19.08
C GLN A 262 3.47 9.68 18.15
N HIS A 263 2.26 9.43 18.63
CA HIS A 263 1.23 8.74 17.83
C HIS A 263 -0.15 9.21 18.24
N GLU A 264 -1.10 9.17 17.31
CA GLU A 264 -2.48 9.58 17.57
C GLU A 264 -3.11 8.85 18.77
N GLY A 265 -2.64 7.63 19.04
CA GLY A 265 -3.21 6.80 20.09
C GLY A 265 -2.58 7.02 21.45
N LEU A 266 -1.64 7.95 21.52
CA LEU A 266 -1.02 8.30 22.79
C LEU A 266 -1.63 9.57 23.36
N ALA A 267 -2.04 9.53 24.63
CA ALA A 267 -2.57 10.71 25.30
C ALA A 267 -1.52 11.83 25.28
N GLU A 268 -0.26 11.42 25.24
CA GLU A 268 0.85 12.35 25.27
C GLU A 268 2.13 11.60 24.91
N PRO A 269 3.12 12.31 24.35
CA PRO A 269 4.37 11.71 23.87
C PRO A 269 5.03 10.80 24.90
N VAL A 270 5.81 9.84 24.42
CA VAL A 270 6.47 8.86 25.27
C VAL A 270 7.98 8.91 25.14
N THR A 271 8.66 8.60 26.24
CA THR A 271 10.12 8.60 26.26
C THR A 271 10.64 7.26 26.78
N LEU A 272 11.47 6.59 25.97
CA LEU A 272 12.06 5.31 26.38
C LEU A 272 13.57 5.43 26.55
N ARG A 273 14.12 4.64 27.47
CA ARG A 273 15.57 4.53 27.61
C ARG A 273 15.94 3.05 27.69
N TRP A 274 17.21 2.74 27.47
CA TRP A 274 17.65 1.36 27.57
C TRP A 274 17.74 0.91 29.03
N ILE B 1 10.08 3.81 -17.20
CA ILE B 1 11.17 3.74 -16.23
C ILE B 1 10.92 2.63 -15.21
N GLN B 2 11.95 1.82 -14.97
CA GLN B 2 11.83 0.72 -14.01
C GLN B 2 12.30 1.14 -12.63
N LYS B 3 11.55 0.74 -11.61
CA LYS B 3 11.95 0.95 -10.21
C LYS B 3 12.33 -0.38 -9.56
N THR B 4 13.47 -0.40 -8.87
CA THR B 4 13.92 -1.61 -8.18
C THR B 4 13.17 -1.76 -6.86
N PRO B 5 12.67 -2.97 -6.59
CA PRO B 5 11.88 -3.28 -5.39
C PRO B 5 12.71 -3.30 -4.09
N GLN B 6 12.21 -2.62 -3.06
CA GLN B 6 12.82 -2.62 -1.74
C GLN B 6 12.22 -3.75 -0.90
N ILE B 7 13.07 -4.50 -0.21
CA ILE B 7 12.60 -5.64 0.57
C ILE B 7 12.85 -5.53 2.08
N GLN B 8 11.81 -5.74 2.87
CA GLN B 8 11.95 -5.92 4.32
C GLN B 8 11.44 -7.30 4.73
N VAL B 9 12.20 -7.99 5.56
CA VAL B 9 11.80 -9.29 6.06
C VAL B 9 11.79 -9.27 7.59
N TYR B 10 10.65 -9.66 8.18
CA TYR B 10 10.42 -9.48 9.61
C TYR B 10 9.18 -10.25 10.03
N SER B 11 9.12 -10.62 11.32
CA SER B 11 7.99 -11.37 11.86
C SER B 11 6.86 -10.45 12.33
N ARG B 12 5.68 -11.01 12.47
CA ARG B 12 4.56 -10.25 12.97
C ARG B 12 4.64 -9.91 14.45
N HIS B 13 5.05 -10.85 15.26
CA HIS B 13 5.29 -10.61 16.68
C HIS B 13 6.77 -10.83 16.97
N PRO B 14 7.27 -10.27 18.09
CA PRO B 14 8.65 -10.55 18.50
C PRO B 14 8.95 -12.04 18.49
N PRO B 15 10.12 -12.42 17.95
CA PRO B 15 10.51 -13.83 17.77
C PRO B 15 10.82 -14.53 19.10
N GLU B 16 10.28 -15.74 19.25
CA GLU B 16 10.58 -16.59 20.40
C GLU B 16 10.75 -18.05 19.97
N ASN B 17 11.99 -18.54 20.04
CA ASN B 17 12.32 -19.89 19.58
C ASN B 17 11.30 -20.95 19.97
N GLY B 18 10.60 -21.49 18.98
CA GLY B 18 9.66 -22.58 19.22
C GLY B 18 8.22 -22.10 19.36
N LYS B 19 8.01 -20.82 19.10
CA LYS B 19 6.68 -20.21 19.23
C LYS B 19 6.15 -19.81 17.86
N PRO B 20 4.97 -20.35 17.48
CA PRO B 20 4.34 -20.07 16.19
C PRO B 20 4.20 -18.57 15.93
N ASN B 21 4.54 -18.16 14.71
CA ASN B 21 4.53 -16.75 14.34
C ASN B 21 4.08 -16.61 12.90
N ILE B 22 4.14 -15.38 12.40
CA ILE B 22 3.93 -15.10 10.99
C ILE B 22 5.16 -14.37 10.46
N LEU B 23 5.79 -14.93 9.44
CA LEU B 23 6.93 -14.29 8.81
C LEU B 23 6.46 -13.46 7.61
N ASN B 24 6.87 -12.19 7.59
CA ASN B 24 6.44 -11.26 6.55
C ASN B 24 7.56 -10.89 5.60
N CYS B 25 7.24 -10.81 4.31
CA CYS B 25 8.15 -10.25 3.32
C CYS B 25 7.51 -9.03 2.66
N TYR B 26 8.01 -7.85 3.01
CA TYR B 26 7.42 -6.60 2.53
C TYR B 26 8.20 -6.05 1.34
N VAL B 27 7.61 -6.16 0.15
CA VAL B 27 8.23 -5.70 -1.08
C VAL B 27 7.57 -4.43 -1.60
N THR B 28 8.34 -3.35 -1.67
CA THR B 28 7.78 -2.06 -2.06
C THR B 28 8.61 -1.39 -3.15
N GLN B 29 8.07 -0.30 -3.69
CA GLN B 29 8.88 0.63 -4.49
C GLN B 29 9.30 0.09 -5.85
N PHE B 30 8.50 -0.78 -6.46
CA PHE B 30 8.89 -1.36 -7.74
C PHE B 30 7.96 -1.04 -8.91
N HIS B 31 8.48 -1.24 -10.11
CA HIS B 31 7.74 -1.05 -11.34
C HIS B 31 8.52 -1.74 -12.44
N PRO B 32 7.82 -2.48 -13.32
CA PRO B 32 6.37 -2.71 -13.43
C PRO B 32 5.81 -3.62 -12.33
N PRO B 33 4.47 -3.79 -12.26
CA PRO B 33 3.80 -4.62 -11.25
C PRO B 33 3.95 -6.12 -11.48
N HIS B 34 4.77 -6.54 -12.44
CA HIS B 34 5.00 -7.97 -12.60
C HIS B 34 6.15 -8.39 -11.70
N ILE B 35 5.92 -9.42 -10.89
CA ILE B 35 6.91 -9.81 -9.89
C ILE B 35 6.72 -11.24 -9.38
N GLU B 36 7.82 -11.92 -9.08
CA GLU B 36 7.76 -13.25 -8.50
C GLU B 36 8.38 -13.21 -7.11
N ILE B 37 7.63 -13.70 -6.13
CA ILE B 37 8.10 -13.72 -4.75
C ILE B 37 7.92 -15.08 -4.11
N GLN B 38 9.02 -15.66 -3.62
CA GLN B 38 8.94 -16.91 -2.89
C GLN B 38 9.68 -16.78 -1.55
N MET B 39 9.34 -17.65 -0.60
CA MET B 39 9.94 -17.57 0.72
C MET B 39 10.67 -18.87 1.08
N LEU B 40 11.89 -18.74 1.58
CA LEU B 40 12.79 -19.87 1.76
C LEU B 40 13.01 -20.25 3.23
N LYS B 41 12.92 -21.56 3.51
CA LYS B 41 13.25 -22.09 4.83
C LYS B 41 14.54 -22.90 4.72
N ASN B 42 15.63 -22.36 5.27
CA ASN B 42 16.94 -22.98 5.12
C ASN B 42 17.41 -23.00 3.68
N GLY B 43 16.62 -22.38 2.79
CA GLY B 43 16.97 -22.29 1.38
C GLY B 43 16.09 -23.18 0.52
N LYS B 44 14.89 -23.48 0.99
CA LYS B 44 13.99 -24.38 0.29
C LYS B 44 12.56 -23.83 0.25
N LYS B 45 12.06 -23.64 -0.96
CA LYS B 45 10.73 -23.08 -1.20
C LYS B 45 9.68 -23.52 -0.17
N ILE B 46 8.97 -22.55 0.39
CA ILE B 46 7.83 -22.84 1.26
C ILE B 46 6.55 -22.92 0.46
N PRO B 47 5.87 -24.08 0.52
CA PRO B 47 4.62 -24.30 -0.21
C PRO B 47 3.62 -23.17 0.00
N LYS B 48 2.96 -23.18 1.15
CA LYS B 48 1.89 -22.25 1.46
C LYS B 48 2.41 -20.85 1.78
N VAL B 49 2.26 -19.93 0.85
CA VAL B 49 2.66 -18.54 1.08
C VAL B 49 1.57 -17.60 0.59
N GLU B 50 0.91 -16.92 1.53
CA GLU B 50 -0.18 -16.01 1.19
C GLU B 50 0.35 -14.69 0.60
N MET B 51 -0.39 -14.15 -0.34
CA MET B 51 0.04 -12.96 -1.07
C MET B 51 -1.05 -11.90 -1.01
N SER B 52 -0.80 -10.82 -0.27
CA SER B 52 -1.78 -9.73 -0.21
C SER B 52 -1.99 -9.17 -1.61
N ASP B 53 -2.95 -8.28 -1.75
CA ASP B 53 -3.26 -7.72 -3.07
C ASP B 53 -2.29 -6.61 -3.47
N MET B 54 -1.91 -6.64 -4.74
CA MET B 54 -1.01 -5.64 -5.31
C MET B 54 -1.63 -4.24 -5.26
N SER B 55 -1.15 -3.40 -4.35
CA SER B 55 -1.59 -2.02 -4.24
C SER B 55 -0.43 -1.07 -4.61
N PHE B 56 -0.67 0.24 -4.51
CA PHE B 56 0.37 1.21 -4.84
C PHE B 56 0.25 2.53 -4.09
N SER B 57 1.34 3.30 -4.08
CA SER B 57 1.45 4.50 -3.28
C SER B 57 1.32 5.78 -4.09
N LYS B 58 1.65 6.92 -3.45
CA LYS B 58 1.48 8.23 -4.05
C LYS B 58 2.34 8.45 -5.30
N ASP B 59 3.52 7.85 -5.31
CA ASP B 59 4.41 7.98 -6.46
C ASP B 59 4.14 6.90 -7.50
N TRP B 60 2.99 6.24 -7.37
CA TRP B 60 2.54 5.20 -8.31
C TRP B 60 3.26 3.86 -8.20
N SER B 61 4.29 3.80 -7.36
CA SER B 61 5.05 2.55 -7.23
C SER B 61 4.24 1.52 -6.45
N PHE B 62 4.51 0.24 -6.72
CA PHE B 62 3.70 -0.84 -6.17
C PHE B 62 4.29 -1.45 -4.91
N TYR B 63 3.43 -2.05 -4.10
CA TYR B 63 3.87 -2.76 -2.91
C TYR B 63 2.96 -3.95 -2.67
N ILE B 64 3.53 -4.99 -2.10
CA ILE B 64 2.77 -6.20 -1.82
C ILE B 64 3.37 -6.90 -0.60
N LEU B 65 2.55 -7.63 0.12
CA LEU B 65 2.99 -8.34 1.33
C LEU B 65 2.88 -9.86 1.20
N ALA B 66 4.01 -10.53 1.35
CA ALA B 66 4.02 -11.99 1.38
C ALA B 66 4.22 -12.43 2.83
N HIS B 67 3.60 -13.53 3.20
CA HIS B 67 3.69 -14.02 4.56
C HIS B 67 3.30 -15.49 4.65
N THR B 68 3.88 -16.18 5.62
CA THR B 68 3.52 -17.56 5.91
C THR B 68 3.77 -17.85 7.37
N GLU B 69 3.03 -18.81 7.92
CA GLU B 69 3.22 -19.24 9.30
C GLU B 69 4.59 -19.87 9.41
N PHE B 70 5.27 -19.65 10.52
CA PHE B 70 6.54 -20.31 10.77
C PHE B 70 6.84 -20.37 12.25
N THR B 71 7.83 -21.19 12.61
CA THR B 71 8.25 -21.32 14.01
C THR B 71 9.76 -21.20 14.12
N PRO B 72 10.24 -20.06 14.62
CA PRO B 72 11.66 -19.73 14.74
C PRO B 72 12.36 -20.76 15.60
N THR B 73 13.60 -21.09 15.25
CA THR B 73 14.43 -21.89 16.13
C THR B 73 15.80 -21.24 16.18
N GLU B 74 16.72 -21.84 16.91
CA GLU B 74 18.07 -21.29 17.03
C GLU B 74 18.82 -21.37 15.72
N THR B 75 18.55 -22.42 14.95
CA THR B 75 19.39 -22.76 13.80
C THR B 75 18.77 -22.47 12.43
N ASP B 76 17.45 -22.66 12.32
CA ASP B 76 16.76 -22.53 11.03
C ASP B 76 16.83 -21.11 10.45
N THR B 77 17.35 -21.00 9.23
CA THR B 77 17.40 -19.70 8.55
C THR B 77 16.17 -19.49 7.68
N TYR B 78 15.79 -18.23 7.51
CA TYR B 78 14.66 -17.88 6.67
C TYR B 78 15.04 -16.73 5.76
N ALA B 79 14.42 -16.66 4.59
CA ALA B 79 14.77 -15.66 3.58
C ALA B 79 13.62 -15.34 2.62
N CYS B 80 13.81 -14.30 1.83
CA CYS B 80 12.84 -13.92 0.82
C CYS B 80 13.51 -13.72 -0.55
N ARG B 81 12.97 -14.34 -1.58
CA ARG B 81 13.56 -14.23 -2.90
C ARG B 81 12.64 -13.49 -3.82
N VAL B 82 13.17 -12.56 -4.60
CA VAL B 82 12.35 -11.76 -5.51
C VAL B 82 12.89 -11.69 -6.94
N LYS B 83 12.08 -12.13 -7.90
CA LYS B 83 12.41 -11.96 -9.31
C LYS B 83 11.65 -10.76 -9.84
N HIS B 84 12.38 -9.81 -10.43
CA HIS B 84 11.77 -8.63 -11.03
C HIS B 84 12.60 -8.17 -12.23
N ASP B 85 11.90 -7.77 -13.29
CA ASP B 85 12.54 -7.39 -14.55
C ASP B 85 13.70 -6.40 -14.37
N SER B 86 13.59 -5.53 -13.37
CA SER B 86 14.59 -4.49 -13.13
C SER B 86 15.88 -5.04 -12.55
N MET B 87 15.88 -6.34 -12.27
CA MET B 87 17.06 -7.00 -11.74
C MET B 87 17.39 -8.22 -12.58
N ALA B 88 18.62 -8.31 -13.05
CA ALA B 88 19.06 -9.49 -13.81
C ALA B 88 19.14 -10.72 -12.91
N GLU B 89 19.64 -10.52 -11.69
CA GLU B 89 19.73 -11.59 -10.72
C GLU B 89 18.55 -11.50 -9.76
N PRO B 90 18.00 -12.66 -9.37
CA PRO B 90 16.98 -12.63 -8.32
C PRO B 90 17.59 -12.08 -7.03
N LYS B 91 16.80 -11.39 -6.23
CA LYS B 91 17.30 -10.82 -4.99
C LYS B 91 16.79 -11.58 -3.78
N THR B 92 17.72 -11.92 -2.89
CA THR B 92 17.39 -12.66 -1.68
C THR B 92 17.76 -11.84 -0.45
N VAL B 93 16.84 -11.78 0.50
CA VAL B 93 17.10 -11.13 1.78
C VAL B 93 16.82 -12.12 2.90
N TYR B 94 17.78 -12.27 3.80
CA TYR B 94 17.61 -13.18 4.94
C TYR B 94 16.98 -12.44 6.11
N TRP B 95 16.11 -13.14 6.82
CA TRP B 95 15.43 -12.57 7.99
C TRP B 95 16.40 -12.38 9.15
N ASP B 96 16.39 -11.18 9.74
CA ASP B 96 17.20 -10.93 10.92
C ASP B 96 16.30 -10.74 12.14
N ARG B 97 16.59 -11.45 13.21
CA ARG B 97 15.81 -11.41 14.42
C ARG B 97 15.73 -10.04 14.98
N ASP B 98 16.81 -9.30 14.85
CA ASP B 98 16.93 -8.02 15.53
C ASP B 98 16.42 -6.85 14.70
N MET B 99 15.90 -7.13 13.52
CA MET B 99 15.46 -6.05 12.63
C MET B 99 14.08 -6.30 12.06
N GLY C 1 -18.17 1.76 -2.05
CA GLY C 1 -18.97 2.04 -3.23
C GLY C 1 -18.12 2.49 -4.40
N SER C 2 -17.83 1.56 -5.31
CA SER C 2 -17.02 1.86 -6.48
C SER C 2 -17.79 2.73 -7.45
N GLN C 3 -17.09 3.48 -8.27
CA GLN C 3 -17.71 4.34 -9.25
C GLN C 3 -18.17 3.58 -10.47
N LYS C 4 -19.41 3.75 -10.85
CA LYS C 4 -19.88 3.13 -12.06
C LYS C 4 -19.00 3.51 -13.24
N LEU C 5 -18.96 2.64 -14.24
CA LEU C 5 -18.22 2.93 -15.43
C LEU C 5 -18.42 4.37 -15.70
N THR C 6 -18.59 4.75 -16.95
CA THR C 6 -18.65 6.14 -17.33
C THR C 6 -18.97 6.21 -18.79
N THR C 7 -20.17 6.63 -19.11
CA THR C 7 -20.68 6.58 -20.47
C THR C 7 -20.01 7.58 -21.39
N GLY C 8 -19.90 7.23 -22.66
CA GLY C 8 -19.32 8.15 -23.61
C GLY C 8 -18.40 7.50 -24.61
N ASN C 9 -18.17 6.21 -24.44
CA ASN C 9 -17.38 5.55 -25.43
C ASN C 9 -16.14 6.41 -25.66
N CYS C 10 -15.91 7.36 -24.77
CA CYS C 10 -14.82 8.29 -24.95
C CYS C 10 -13.94 8.49 -23.74
N ASN C 11 -13.34 7.45 -23.21
CA ASN C 11 -12.60 7.60 -21.97
C ASN C 11 -11.12 7.69 -22.12
N TRP C 12 -10.60 7.28 -23.24
CA TRP C 12 -9.14 7.25 -23.44
C TRP C 12 -8.70 7.81 -24.78
#